data_5HBJ
#
_entry.id   5HBJ
#
_cell.length_a   70.749
_cell.length_b   71.774
_cell.length_c   176.434
_cell.angle_alpha   90.000
_cell.angle_beta   90.000
_cell.angle_gamma   90.000
#
_symmetry.space_group_name_H-M   'P 21 21 21'
#
loop_
_entity.id
_entity.type
_entity.pdbx_description
1 polymer 'Cyclin-dependent kinase 8'
2 polymer Cyclin-C
3 non-polymer 8-[2-azanyl-3-chloranyl-5-(1-methylindazol-5-yl)pyridin-4-yl]-2,8-diazaspiro[4.5]decan-1-one
4 non-polymer 1,2-ETHANEDIOL
5 non-polymer 'FORMIC ACID'
6 water water
#
loop_
_entity_poly.entity_id
_entity_poly.type
_entity_poly.pdbx_seq_one_letter_code
_entity_poly.pdbx_strand_id
1 'polypeptide(L)'
;DKMDYDFKVKLSSERERVEDLFEYEGCKVGRGTYGHVYKAKRKDGKDDKDYALKQIEGTGISMSACREIALLRELKHPNV
ISLQKVFLSHADRKVWLLFDYAEHDLWHIIKFHRASKANKKPVQLPRGMVKSLLYQILDGIHYLHANWVLHRDLKPANIL
VMGEGPERGRVKIADMGFARLFNSPLKPLADLDPVVVTFWYRAPELLLGARHYTKAIDIWAIGCIFAELLTSEPIFHCRQ
EDIKTSNPYHHDQLDRIFNVMGFPADKDWEDIKKMPEHSTLMKDFRRNTYTNCSLIKYMEKHKVKPDSKAFHLLQKLLTM
DPIKRITSEQAMQDPYFLEDPLPTSDVFAGCQIPYPKREFLTEE
;
A
2 'polypeptide(L)'
;DDDDKAMAGNFWQSSHYLQWILDKQDLLKERQKDLKFLSEEEYWKLQIFFTNVIQALGEHLKLRQQVIATATVYFKRFYA
RYSLKSIDPVLMAPTCVFLASKVEEFGVVSNTRLIAAATSVLKTRFSYAFPKEFPYRMNHILECEFYLLELMDCCLIVYH
PYRPLLQYVQDMGQEDMLLPLAWRIVNDTYRTDLCLLYPPFMIALACLHVACVVQQKDARQWFAELSVDMEKILEIIRVI
LKLYEQWKNFDERKEMATILSKMPKPKPPP
;
B
#
# COMPACT_ATOMS: atom_id res chain seq x y z
N ASP A 1 -9.94 -30.70 5.18
CA ASP A 1 -11.29 -31.29 4.86
C ASP A 1 -11.42 -31.59 3.37
N LYS A 2 -11.13 -30.58 2.55
CA LYS A 2 -11.11 -30.70 1.07
C LYS A 2 -9.75 -30.37 0.42
N MET A 3 -8.82 -29.80 1.19
CA MET A 3 -7.45 -29.53 0.72
C MET A 3 -6.59 -30.80 0.80
N ASP A 4 -5.40 -30.73 0.22
CA ASP A 4 -4.43 -31.83 0.31
C ASP A 4 -3.89 -31.90 1.73
N TYR A 5 -3.80 -33.12 2.27
CA TYR A 5 -3.40 -33.32 3.66
C TYR A 5 -1.90 -33.12 3.86
N ASP A 6 -1.11 -33.71 2.97
CA ASP A 6 0.35 -33.57 3.01
C ASP A 6 0.79 -32.12 2.92
N PHE A 7 0.06 -31.35 2.13
CA PHE A 7 0.25 -29.90 1.98
C PHE A 7 -0.01 -29.15 3.31
N LYS A 8 -1.14 -29.43 3.96
CA LYS A 8 -1.48 -28.83 5.26
C LYS A 8 -0.42 -29.10 6.32
N VAL A 9 -0.08 -30.38 6.50
CA VAL A 9 0.86 -30.82 7.55
C VAL A 9 2.29 -30.30 7.33
N LYS A 10 2.71 -30.23 6.07
CA LYS A 10 4.05 -29.72 5.74
C LYS A 10 4.18 -28.27 6.18
N LEU A 11 3.26 -27.42 5.70
CA LEU A 11 3.24 -25.99 6.04
C LEU A 11 3.05 -25.77 7.53
N SER A 12 2.21 -26.58 8.16
CA SER A 12 2.05 -26.55 9.62
C SER A 12 3.38 -26.82 10.32
N SER A 13 4.10 -27.85 9.86
CA SER A 13 5.41 -28.20 10.40
C SER A 13 6.46 -27.10 10.17
N GLU A 14 6.41 -26.46 9.01
CA GLU A 14 7.44 -25.49 8.58
C GLU A 14 7.15 -24.03 8.93
N ARG A 15 5.90 -23.70 9.21
CA ARG A 15 5.50 -22.31 9.48
C ARG A 15 6.12 -21.78 10.78
N GLU A 16 6.75 -20.61 10.68
CA GLU A 16 7.32 -19.91 11.83
C GLU A 16 6.19 -19.29 12.66
N ARG A 17 5.93 -19.85 13.83
CA ARG A 17 5.01 -19.26 14.80
C ARG A 17 5.72 -18.12 15.54
N VAL A 18 4.95 -17.11 15.94
CA VAL A 18 5.50 -15.91 16.62
C VAL A 18 5.99 -16.27 18.02
N GLU A 19 5.14 -16.98 18.77
CA GLU A 19 5.40 -17.41 20.15
C GLU A 19 6.79 -18.01 20.33
N ASP A 20 7.17 -18.84 19.36
CA ASP A 20 8.40 -19.64 19.42
C ASP A 20 9.65 -18.86 19.02
N LEU A 21 9.52 -17.91 18.09
CA LEU A 21 10.68 -17.10 17.64
C LEU A 21 11.06 -15.91 18.55
N PHE A 22 10.09 -15.34 19.27
CA PHE A 22 10.32 -14.12 20.05
C PHE A 22 9.83 -14.22 21.49
N GLU A 23 10.60 -13.61 22.40
CA GLU A 23 10.22 -13.45 23.81
C GLU A 23 9.58 -12.08 23.99
N TYR A 24 8.26 -12.05 24.18
CA TYR A 24 7.51 -10.80 24.42
C TYR A 24 6.61 -10.78 25.67
N GLU A 25 6.65 -11.85 26.48
CA GLU A 25 5.73 -12.00 27.62
C GLU A 25 6.00 -10.97 28.70
N GLY A 26 5.08 -10.03 28.87
CA GLY A 26 5.20 -8.94 29.84
C GLY A 26 6.11 -7.80 29.37
N CYS A 27 6.12 -7.55 28.07
CA CYS A 27 6.92 -6.48 27.45
C CYS A 27 6.06 -5.63 26.50
N LYS A 28 4.81 -5.41 26.87
CA LYS A 28 3.88 -4.64 26.03
C LYS A 28 4.19 -3.15 26.19
N VAL A 29 4.68 -2.52 25.12
CA VAL A 29 5.05 -1.10 25.14
C VAL A 29 3.93 -0.14 24.70
N GLY A 30 3.00 -0.63 23.89
CA GLY A 30 1.86 0.18 23.45
C GLY A 30 0.59 -0.64 23.28
N ARG A 31 -0.54 0.01 23.57
CA ARG A 31 -1.87 -0.56 23.36
C ARG A 31 -2.82 0.54 22.87
N GLY A 32 -3.27 0.42 21.63
CA GLY A 32 -4.20 1.39 21.04
C GLY A 32 -5.15 0.75 20.03
N THR A 33 -5.79 1.61 19.24
CA THR A 33 -6.70 1.17 18.16
C THR A 33 -5.98 0.27 17.12
N TYR A 34 -4.72 0.59 16.84
CA TYR A 34 -3.82 -0.23 16.01
C TYR A 34 -3.74 -1.70 16.44
N GLY A 35 -3.85 -1.94 17.75
CA GLY A 35 -3.80 -3.26 18.32
C GLY A 35 -2.89 -3.29 19.53
N HIS A 36 -1.95 -4.23 19.55
CA HIS A 36 -1.07 -4.47 20.68
C HIS A 36 0.37 -4.42 20.17
N VAL A 37 1.27 -3.73 20.87
CA VAL A 37 2.69 -3.63 20.47
C VAL A 37 3.62 -3.98 21.61
N TYR A 38 4.60 -4.84 21.34
CA TYR A 38 5.55 -5.34 22.34
C TYR A 38 7.00 -5.04 22.00
N LYS A 39 7.83 -4.88 23.03
CA LYS A 39 9.30 -4.82 22.90
C LYS A 39 9.84 -6.26 22.98
N ALA A 40 10.11 -6.86 21.82
CA ALA A 40 10.49 -8.27 21.71
C ALA A 40 12.00 -8.45 21.55
N LYS A 41 12.45 -9.68 21.78
CA LYS A 41 13.83 -10.11 21.52
C LYS A 41 13.78 -11.53 20.95
N ARG A 42 14.67 -11.83 20.01
CA ARG A 42 14.68 -13.13 19.33
C ARG A 42 15.12 -14.24 20.30
N LYS A 43 14.35 -15.33 20.36
CA LYS A 43 14.60 -16.44 21.30
C LYS A 43 15.81 -17.29 20.88
N ASP A 44 15.63 -18.04 19.80
CA ASP A 44 16.60 -19.02 19.36
C ASP A 44 17.80 -18.36 18.69
N GLY A 45 17.53 -17.43 17.79
CA GLY A 45 18.57 -16.73 17.04
C GLY A 45 19.56 -16.00 17.91
N LYS A 46 20.80 -15.86 17.42
CA LYS A 46 21.88 -15.16 18.13
C LYS A 46 21.83 -13.68 17.78
N ASP A 47 20.68 -13.07 18.04
CA ASP A 47 20.35 -11.69 17.68
C ASP A 47 20.14 -10.92 18.99
N ASP A 48 20.96 -9.90 19.22
CA ASP A 48 20.85 -9.07 20.44
C ASP A 48 19.92 -7.86 20.26
N LYS A 49 19.43 -7.63 19.03
CA LYS A 49 18.66 -6.43 18.71
C LYS A 49 17.25 -6.50 19.30
N ASP A 50 16.68 -5.31 19.55
CA ASP A 50 15.31 -5.16 20.04
C ASP A 50 14.36 -4.98 18.87
N TYR A 51 13.19 -5.61 18.95
CA TYR A 51 12.18 -5.56 17.90
C TYR A 51 10.86 -5.02 18.44
N ALA A 52 10.15 -4.28 17.58
CA ALA A 52 8.76 -3.88 17.84
C ALA A 52 7.87 -4.91 17.17
N LEU A 53 7.16 -5.68 17.98
CA LEU A 53 6.27 -6.73 17.50
C LEU A 53 4.83 -6.30 17.74
N LYS A 54 4.09 -6.09 16.65
CA LYS A 54 2.74 -5.55 16.69
C LYS A 54 1.74 -6.62 16.29
N GLN A 55 0.74 -6.86 17.14
CA GLN A 55 -0.43 -7.71 16.81
C GLN A 55 -1.55 -6.81 16.32
N ILE A 56 -1.87 -6.87 15.03
CA ILE A 56 -2.98 -6.10 14.45
C ILE A 56 -4.30 -6.57 15.06
N GLU A 57 -5.17 -5.62 15.40
CA GLU A 57 -6.47 -5.94 16.01
C GLU A 57 -7.46 -6.56 15.01
N GLY A 58 -8.33 -7.42 15.53
CA GLY A 58 -9.34 -8.10 14.74
C GLY A 58 -8.84 -9.41 14.17
N THR A 59 -9.79 -10.31 13.88
CA THR A 59 -9.47 -11.54 13.18
C THR A 59 -9.41 -11.29 11.68
N GLY A 60 -8.49 -11.96 11.00
CA GLY A 60 -8.43 -11.97 9.55
C GLY A 60 -7.58 -10.85 8.97
N ILE A 61 -7.77 -10.61 7.67
CA ILE A 61 -7.03 -9.60 6.93
C ILE A 61 -8.01 -8.49 6.58
N SER A 62 -8.09 -7.49 7.44
CA SER A 62 -8.98 -6.32 7.24
C SER A 62 -8.44 -5.41 6.14
N MET A 63 -9.31 -4.55 5.61
CA MET A 63 -8.91 -3.49 4.66
C MET A 63 -7.76 -2.64 5.21
N SER A 64 -7.85 -2.32 6.50
CA SER A 64 -6.88 -1.49 7.20
C SER A 64 -5.53 -2.19 7.35
N ALA A 65 -5.57 -3.52 7.55
CA ALA A 65 -4.38 -4.37 7.66
C ALA A 65 -3.82 -4.79 6.30
N CYS A 66 -4.71 -5.00 5.33
CA CYS A 66 -4.34 -5.49 4.01
C CYS A 66 -3.47 -4.48 3.27
N ARG A 67 -3.93 -3.23 3.21
CA ARG A 67 -3.16 -2.12 2.62
C ARG A 67 -1.87 -1.86 3.39
N GLU A 68 -1.92 -1.93 4.72
CA GLU A 68 -0.73 -1.76 5.56
C GLU A 68 0.35 -2.76 5.16
N ILE A 69 -0.03 -4.04 5.07
CA ILE A 69 0.87 -5.09 4.60
C ILE A 69 1.31 -4.83 3.16
N ALA A 70 0.36 -4.48 2.30
CA ALA A 70 0.63 -4.21 0.88
C ALA A 70 1.74 -3.19 0.68
N LEU A 71 1.53 -1.97 1.19
CA LEU A 71 2.48 -0.87 0.99
C LEU A 71 3.83 -1.14 1.66
N LEU A 72 3.82 -1.36 2.97
CA LEU A 72 5.04 -1.63 3.75
C LEU A 72 5.99 -2.65 3.10
N ARG A 73 5.39 -3.66 2.46
CA ARG A 73 6.12 -4.68 1.72
C ARG A 73 6.94 -4.12 0.53
N GLU A 74 6.39 -3.13 -0.16
CA GLU A 74 7.09 -2.47 -1.27
C GLU A 74 7.93 -1.27 -0.80
N LEU A 75 7.52 -0.60 0.27
CA LEU A 75 8.18 0.63 0.73
C LEU A 75 9.57 0.35 1.33
N LYS A 76 10.57 1.10 0.88
CA LYS A 76 11.95 0.99 1.35
C LYS A 76 12.67 2.35 1.30
N HIS A 77 12.79 2.99 2.47
CA HIS A 77 13.48 4.25 2.62
C HIS A 77 13.99 4.39 4.07
N PRO A 78 15.18 4.99 4.28
CA PRO A 78 15.74 5.14 5.62
C PRO A 78 14.82 5.80 6.66
N ASN A 79 14.13 6.87 6.29
CA ASN A 79 13.25 7.62 7.20
C ASN A 79 11.78 7.16 7.27
N VAL A 80 11.45 6.03 6.64
CA VAL A 80 10.16 5.33 6.80
C VAL A 80 10.43 3.96 7.41
N ILE A 81 9.57 3.52 8.33
CA ILE A 81 9.82 2.27 9.06
C ILE A 81 9.72 1.05 8.15
N SER A 82 10.74 0.18 8.22
CA SER A 82 10.87 -0.98 7.35
C SER A 82 10.24 -2.21 7.99
N LEU A 83 9.34 -2.89 7.26
CA LEU A 83 8.73 -4.16 7.72
C LEU A 83 9.71 -5.33 7.54
N GLN A 84 10.08 -5.96 8.65
CA GLN A 84 11.01 -7.09 8.63
C GLN A 84 10.29 -8.37 8.20
N LYS A 85 9.25 -8.75 8.94
CA LYS A 85 8.51 -9.99 8.69
C LYS A 85 7.05 -9.92 9.14
N VAL A 86 6.18 -10.61 8.41
CA VAL A 86 4.78 -10.78 8.76
C VAL A 86 4.58 -12.21 9.25
N PHE A 87 3.87 -12.38 10.37
CA PHE A 87 3.46 -13.69 10.87
C PHE A 87 1.96 -13.82 10.77
N LEU A 88 1.48 -14.92 10.19
CA LEU A 88 0.04 -15.20 10.11
C LEU A 88 -0.33 -16.39 11.02
N SER A 89 -0.80 -16.06 12.21
CA SER A 89 -1.29 -17.05 13.18
C SER A 89 -2.62 -17.63 12.70
N HIS A 90 -2.58 -18.84 12.12
CA HIS A 90 -3.75 -19.46 11.49
C HIS A 90 -4.87 -19.83 12.46
N ALA A 91 -4.49 -20.28 13.66
CA ALA A 91 -5.45 -20.79 14.66
C ALA A 91 -6.42 -19.70 15.10
N ASP A 92 -5.88 -18.64 15.70
CA ASP A 92 -6.69 -17.47 16.14
C ASP A 92 -6.99 -16.46 15.02
N ARG A 93 -6.32 -16.61 13.87
CA ARG A 93 -6.46 -15.71 12.71
C ARG A 93 -6.05 -14.26 13.01
N LYS A 94 -5.02 -14.08 13.84
CA LYS A 94 -4.40 -12.78 14.08
C LYS A 94 -3.20 -12.60 13.15
N VAL A 95 -2.86 -11.34 12.86
CA VAL A 95 -1.71 -10.98 12.04
C VAL A 95 -0.72 -10.22 12.91
N TRP A 96 0.51 -10.71 12.98
CA TRP A 96 1.58 -10.00 13.68
C TRP A 96 2.52 -9.38 12.65
N LEU A 97 3.16 -8.27 13.02
CA LEU A 97 4.17 -7.60 12.20
C LEU A 97 5.39 -7.35 13.05
N LEU A 98 6.57 -7.37 12.42
CA LEU A 98 7.85 -7.21 13.11
C LEU A 98 8.63 -6.04 12.53
N PHE A 99 9.00 -5.09 13.39
CA PHE A 99 9.78 -3.90 13.01
C PHE A 99 11.01 -3.76 13.88
N ASP A 100 12.03 -3.09 13.36
CA ASP A 100 13.15 -2.64 14.19
C ASP A 100 12.59 -1.65 15.22
N TYR A 101 12.91 -1.87 16.48
CA TYR A 101 12.33 -1.13 17.60
C TYR A 101 12.81 0.32 17.66
N ALA A 102 11.85 1.23 17.71
CA ALA A 102 12.12 2.66 17.91
C ALA A 102 11.82 3.00 19.35
N GLU A 103 12.87 3.27 20.13
CA GLU A 103 12.72 3.64 21.54
C GLU A 103 11.92 4.94 21.73
N HIS A 104 12.26 5.96 20.95
CA HIS A 104 11.74 7.32 21.15
C HIS A 104 10.80 7.76 20.06
N ASP A 105 10.04 8.81 20.34
CA ASP A 105 9.20 9.47 19.34
C ASP A 105 9.01 10.94 19.72
N LEU A 106 8.56 11.74 18.75
CA LEU A 106 8.44 13.19 18.95
C LEU A 106 7.43 13.56 20.03
N TRP A 107 6.36 12.77 20.15
CA TRP A 107 5.37 12.96 21.22
C TRP A 107 6.05 12.95 22.59
N HIS A 108 6.80 11.88 22.87
CA HIS A 108 7.51 11.72 24.15
C HIS A 108 8.69 12.68 24.31
N ILE A 109 9.35 13.03 23.20
CA ILE A 109 10.44 14.03 23.22
C ILE A 109 9.90 15.44 23.50
N ILE A 110 8.87 15.85 22.77
CA ILE A 110 8.21 17.14 23.02
C ILE A 110 7.69 17.23 24.46
N LYS A 111 7.07 16.15 24.95
CA LYS A 111 6.56 16.08 26.32
C LYS A 111 7.67 16.25 27.37
N PHE A 112 8.87 15.76 27.05
CA PHE A 112 10.01 15.86 27.98
C PHE A 112 10.50 17.30 28.14
N HIS A 113 10.55 18.04 27.04
CA HIS A 113 10.93 19.46 27.08
C HIS A 113 9.84 20.33 27.69
N ARG A 114 8.59 20.16 27.22
CA ARG A 114 7.44 20.91 27.74
C ARG A 114 7.30 20.80 29.25
N ALA A 115 7.60 19.61 29.80
CA ALA A 115 7.60 19.38 31.25
C ALA A 115 8.60 20.32 31.93
N SER A 116 9.88 20.22 31.53
CA SER A 116 10.94 21.14 31.98
C SER A 116 11.16 21.14 33.52
N LYS A 117 11.98 22.08 34.01
CA LYS A 117 12.10 22.34 35.46
C LYS A 117 10.80 22.99 35.94
N ALA A 118 10.40 24.08 35.27
CA ALA A 118 9.10 24.73 35.48
C ALA A 118 8.06 24.15 34.53
N VAL A 123 14.92 23.68 29.88
CA VAL A 123 15.65 23.09 28.76
C VAL A 123 14.76 22.88 27.52
N GLN A 124 14.64 23.93 26.71
CA GLN A 124 13.87 23.89 25.45
C GLN A 124 14.63 23.09 24.38
N LEU A 125 13.89 22.61 23.37
CA LEU A 125 14.44 21.81 22.27
C LEU A 125 15.62 22.49 21.56
N PRO A 126 16.81 21.85 21.54
CA PRO A 126 17.95 22.41 20.80
C PRO A 126 17.70 22.57 19.28
N ARG A 127 18.18 23.68 18.72
CA ARG A 127 17.81 24.12 17.36
C ARG A 127 18.31 23.20 16.24
N GLY A 128 19.52 22.66 16.40
CA GLY A 128 20.13 21.72 15.43
C GLY A 128 19.38 20.39 15.35
N MET A 129 18.97 19.89 16.51
CA MET A 129 18.11 18.70 16.61
C MET A 129 16.79 18.90 15.84
N VAL A 130 16.20 20.08 15.96
CA VAL A 130 14.92 20.37 15.29
C VAL A 130 15.06 20.36 13.77
N LYS A 131 16.09 21.06 13.28
CA LYS A 131 16.37 21.08 11.84
C LYS A 131 16.57 19.66 11.30
N SER A 132 17.40 18.87 11.98
CA SER A 132 17.66 17.48 11.59
C SER A 132 16.39 16.64 11.61
N LEU A 133 15.59 16.79 12.67
CA LEU A 133 14.28 16.14 12.76
C LEU A 133 13.35 16.54 11.59
N LEU A 134 13.26 17.84 11.33
CA LEU A 134 12.45 18.33 10.23
C LEU A 134 12.93 17.79 8.88
N TYR A 135 14.24 17.88 8.62
CA TYR A 135 14.78 17.44 7.32
C TYR A 135 14.44 15.99 7.04
N GLN A 136 14.59 15.14 8.05
CA GLN A 136 14.35 13.71 7.90
C GLN A 136 12.86 13.41 7.70
N ILE A 137 11.99 14.09 8.47
CA ILE A 137 10.53 14.01 8.27
C ILE A 137 10.15 14.35 6.82
N LEU A 138 10.72 15.42 6.29
CA LEU A 138 10.50 15.81 4.88
C LEU A 138 11.14 14.87 3.86
N ASP A 139 12.18 14.15 4.26
CA ASP A 139 12.86 13.20 3.37
C ASP A 139 11.98 11.97 3.15
N GLY A 140 11.45 11.42 4.24
CA GLY A 140 10.56 10.26 4.19
C GLY A 140 9.23 10.54 3.50
N ILE A 141 8.60 11.65 3.86
CA ILE A 141 7.30 11.99 3.29
C ILE A 141 7.41 12.28 1.78
N HIS A 142 8.54 12.83 1.35
CA HIS A 142 8.86 13.01 -0.07
C HIS A 142 8.96 11.66 -0.80
N TYR A 143 9.54 10.65 -0.14
CA TYR A 143 9.58 9.29 -0.68
C TYR A 143 8.18 8.69 -0.84
N LEU A 144 7.34 8.87 0.17
CA LEU A 144 5.95 8.38 0.11
C LEU A 144 5.19 9.08 -1.02
N HIS A 145 5.26 10.41 -1.02
CA HIS A 145 4.58 11.23 -2.05
C HIS A 145 5.11 10.96 -3.46
N ALA A 146 6.39 10.67 -3.61
CA ALA A 146 6.96 10.32 -4.92
C ALA A 146 6.34 9.03 -5.47
N ASN A 147 6.01 8.12 -4.55
CA ASN A 147 5.30 6.87 -4.85
C ASN A 147 3.78 6.95 -4.73
N TRP A 148 3.23 8.17 -4.73
CA TRP A 148 1.78 8.41 -4.62
C TRP A 148 1.15 7.68 -3.44
N VAL A 149 1.80 7.82 -2.28
CA VAL A 149 1.34 7.25 -1.02
C VAL A 149 1.22 8.40 -0.04
N LEU A 150 0.04 8.55 0.54
CA LEU A 150 -0.24 9.61 1.51
C LEU A 150 -0.28 9.01 2.91
N HIS A 151 0.15 9.79 3.90
CA HIS A 151 0.10 9.33 5.29
C HIS A 151 -1.32 9.42 5.86
N ARG A 152 -1.92 10.60 5.73
CA ARG A 152 -3.30 10.90 6.18
C ARG A 152 -3.50 11.01 7.71
N ASP A 153 -2.42 10.95 8.48
CA ASP A 153 -2.49 11.13 9.93
C ASP A 153 -1.13 11.43 10.56
N LEU A 154 -0.32 12.27 9.93
CA LEU A 154 0.97 12.66 10.51
C LEU A 154 0.72 13.38 11.83
N LYS A 155 1.39 12.92 12.86
CA LYS A 155 1.38 13.58 14.17
C LYS A 155 2.62 13.15 14.92
N PRO A 156 3.02 13.87 15.99
CA PRO A 156 4.25 13.55 16.72
C PRO A 156 4.44 12.09 17.15
N ALA A 157 3.37 11.45 17.62
CA ALA A 157 3.40 10.03 18.02
C ALA A 157 3.68 9.03 16.86
N ASN A 158 3.48 9.47 15.62
CA ASN A 158 3.82 8.69 14.43
C ASN A 158 5.22 8.98 13.86
N ILE A 159 5.94 9.93 14.44
CA ILE A 159 7.31 10.23 14.02
C ILE A 159 8.28 9.67 15.06
N LEU A 160 8.80 8.47 14.79
CA LEU A 160 9.66 7.75 15.73
C LEU A 160 11.13 8.12 15.53
N VAL A 161 11.89 8.15 16.62
CA VAL A 161 13.35 8.27 16.57
C VAL A 161 13.98 7.03 17.19
N MET A 162 15.06 6.54 16.58
CA MET A 162 15.70 5.29 16.99
C MET A 162 16.66 5.53 18.17
N GLY A 163 16.66 4.60 19.11
CA GLY A 163 17.56 4.67 20.27
C GLY A 163 18.98 4.20 20.00
N GLU A 164 19.67 3.81 21.06
CA GLU A 164 21.08 3.41 20.98
C GLU A 164 21.25 2.16 20.10
N GLY A 165 21.94 2.34 18.98
CA GLY A 165 22.08 1.27 17.99
C GLY A 165 22.74 1.77 16.73
N PRO A 166 22.82 0.93 15.69
CA PRO A 166 23.35 1.32 14.38
C PRO A 166 22.64 2.53 13.77
N GLU A 167 21.33 2.64 13.97
CA GLU A 167 20.52 3.74 13.42
C GLU A 167 20.21 4.87 14.45
N ARG A 168 21.14 5.11 15.37
CA ARG A 168 20.99 6.13 16.43
C ARG A 168 20.54 7.49 15.87
N GLY A 169 19.45 8.01 16.41
CA GLY A 169 18.91 9.32 16.04
C GLY A 169 18.35 9.48 14.62
N ARG A 170 17.93 8.38 14.01
CA ARG A 170 17.31 8.42 12.69
C ARG A 170 15.80 8.50 12.87
N VAL A 171 15.16 9.41 12.12
CA VAL A 171 13.71 9.54 12.15
C VAL A 171 13.10 8.34 11.41
N LYS A 172 11.97 7.85 11.89
CA LYS A 172 11.22 6.77 11.24
C LYS A 172 9.72 7.08 11.27
N ILE A 173 9.15 7.41 10.11
CA ILE A 173 7.71 7.64 10.01
C ILE A 173 6.94 6.31 10.11
N ALA A 174 6.06 6.21 11.10
CA ALA A 174 5.26 5.01 11.35
C ALA A 174 3.79 5.21 10.96
N ASP A 175 3.00 4.15 11.10
CA ASP A 175 1.54 4.17 10.97
C ASP A 175 1.04 4.40 9.53
N MET A 176 0.85 3.29 8.81
CA MET A 176 0.36 3.27 7.42
C MET A 176 -1.02 2.59 7.33
N GLY A 177 -1.99 3.18 8.01
CA GLY A 177 -3.40 2.76 7.95
C GLY A 177 -4.25 3.63 7.04
N PHE A 178 -5.56 3.43 7.10
CA PHE A 178 -6.52 4.12 6.23
C PHE A 178 -6.47 3.59 4.81
N LEU A 181 -11.71 4.31 2.72
CA LEU A 181 -12.98 4.24 1.99
C LEU A 181 -13.09 5.36 0.96
N PHE A 182 -12.74 5.03 -0.30
CA PHE A 182 -12.71 5.99 -1.42
C PHE A 182 -11.74 7.17 -1.23
N ASN A 183 -10.75 7.01 -0.33
CA ASN A 183 -9.87 8.09 0.13
C ASN A 183 -10.63 9.26 0.81
N SER A 184 -11.82 8.98 1.36
CA SER A 184 -12.76 10.00 1.82
C SER A 184 -13.03 9.91 3.33
N PRO A 185 -12.69 10.98 4.10
CA PRO A 185 -12.80 10.93 5.57
C PRO A 185 -14.21 11.03 6.17
N LEU A 186 -15.23 11.28 5.36
CA LEU A 186 -16.62 11.33 5.82
C LEU A 186 -17.18 9.96 6.20
N VAL A 197 -11.12 13.16 18.41
CA VAL A 197 -11.17 14.22 19.43
C VAL A 197 -9.98 15.22 19.41
N THR A 198 -8.89 14.89 18.72
CA THR A 198 -7.71 15.78 18.55
C THR A 198 -7.47 16.12 17.07
N PHE A 199 -7.94 17.31 16.66
CA PHE A 199 -7.77 17.80 15.28
C PHE A 199 -6.66 18.86 15.12
N TRP A 200 -5.62 18.81 15.94
CA TRP A 200 -4.60 19.87 15.99
C TRP A 200 -3.65 19.89 14.78
N TYR A 201 -3.52 18.75 14.09
CA TYR A 201 -2.62 18.61 12.94
C TYR A 201 -3.38 18.49 11.62
N ARG A 202 -4.68 18.79 11.67
CA ARG A 202 -5.56 18.68 10.53
C ARG A 202 -5.48 19.99 9.76
N ALA A 203 -5.38 19.91 8.43
CA ALA A 203 -5.38 21.10 7.56
C ALA A 203 -6.79 21.73 7.48
N PRO A 204 -6.85 23.04 7.18
CA PRO A 204 -8.14 23.73 7.16
C PRO A 204 -9.11 23.26 6.07
N GLU A 205 -8.60 22.79 4.93
CA GLU A 205 -9.48 22.24 3.89
C GLU A 205 -10.26 20.99 4.37
N LEU A 206 -9.63 20.18 5.23
CA LEU A 206 -10.33 19.05 5.87
C LEU A 206 -11.44 19.54 6.81
N LEU A 207 -11.14 20.59 7.56
CA LEU A 207 -12.13 21.22 8.45
C LEU A 207 -13.24 21.86 7.64
N LEU A 208 -12.90 22.49 6.52
CA LEU A 208 -13.90 23.09 5.63
C LEU A 208 -14.57 22.10 4.67
N GLY A 209 -14.22 20.81 4.78
CA GLY A 209 -14.99 19.72 4.16
C GLY A 209 -14.46 19.21 2.84
N ALA A 210 -13.13 19.19 2.68
CA ALA A 210 -12.50 18.58 1.51
C ALA A 210 -12.81 17.09 1.52
N ARG A 211 -13.21 16.58 0.36
CA ARG A 211 -13.70 15.20 0.23
C ARG A 211 -12.60 14.16 0.00
N HIS A 212 -11.35 14.62 -0.17
CA HIS A 212 -10.22 13.73 -0.51
C HIS A 212 -8.93 14.22 0.15
N TYR A 213 -8.11 13.26 0.60
CA TYR A 213 -6.78 13.54 1.11
C TYR A 213 -5.85 13.86 -0.05
N THR A 214 -4.82 14.64 0.25
CA THR A 214 -3.85 15.12 -0.73
C THR A 214 -2.45 15.09 -0.12
N LYS A 215 -1.43 15.31 -0.95
CA LYS A 215 -0.07 15.50 -0.43
C LYS A 215 0.00 16.76 0.43
N ALA A 216 -0.74 17.79 0.03
CA ALA A 216 -0.78 19.08 0.74
C ALA A 216 -1.28 18.99 2.18
N ILE A 217 -2.21 18.08 2.44
CA ILE A 217 -2.73 17.86 3.80
C ILE A 217 -1.64 17.36 4.74
N ASP A 218 -0.79 16.45 4.26
CA ASP A 218 0.36 15.95 5.05
C ASP A 218 1.37 17.07 5.33
N ILE A 219 1.64 17.91 4.32
CA ILE A 219 2.58 19.03 4.46
C ILE A 219 2.15 20.03 5.53
N TRP A 220 0.84 20.25 5.67
CA TRP A 220 0.30 21.06 6.78
C TRP A 220 0.67 20.45 8.13
N ALA A 221 0.50 19.15 8.27
CA ALA A 221 0.87 18.44 9.50
C ALA A 221 2.36 18.60 9.82
N ILE A 222 3.22 18.58 8.81
CA ILE A 222 4.66 18.78 9.02
C ILE A 222 4.94 20.17 9.63
N GLY A 223 4.26 21.19 9.12
CA GLY A 223 4.35 22.54 9.67
C GLY A 223 3.91 22.61 11.13
N CYS A 224 2.77 21.98 11.44
CA CYS A 224 2.29 21.91 12.82
C CYS A 224 3.27 21.24 13.77
N ILE A 225 3.96 20.22 13.25
CA ILE A 225 5.00 19.51 14.01
C ILE A 225 6.24 20.38 14.16
N PHE A 226 6.69 20.98 13.06
CA PHE A 226 7.86 21.86 13.08
C PHE A 226 7.63 23.04 14.03
N ALA A 227 6.44 23.63 13.94
CA ALA A 227 5.97 24.62 14.90
C ALA A 227 6.18 24.12 16.32
N GLU A 228 5.68 22.92 16.59
CA GLU A 228 5.72 22.30 17.91
C GLU A 228 7.14 22.01 18.41
N LEU A 229 8.03 21.64 17.50
CA LEU A 229 9.46 21.42 17.83
C LEU A 229 10.13 22.70 18.30
N LEU A 230 9.83 23.81 17.61
CA LEU A 230 10.39 25.12 17.97
C LEU A 230 9.84 25.61 19.32
N THR A 231 8.52 25.68 19.44
CA THR A 231 7.84 26.29 20.60
C THR A 231 7.60 25.36 21.80
N SER A 232 7.80 24.05 21.62
CA SER A 232 7.51 23.00 22.64
C SER A 232 6.02 22.87 23.01
N GLU A 233 5.12 23.33 22.14
CA GLU A 233 3.67 23.25 22.38
C GLU A 233 2.88 23.30 21.06
N PRO A 234 1.71 22.62 21.00
CA PRO A 234 1.03 22.50 19.71
C PRO A 234 0.45 23.84 19.24
N ILE A 235 0.85 24.27 18.04
CA ILE A 235 0.48 25.58 17.50
C ILE A 235 -1.04 25.80 17.45
N PHE A 236 -1.78 24.74 17.13
CA PHE A 236 -3.25 24.81 17.04
C PHE A 236 -3.96 24.01 18.13
N HIS A 237 -3.47 24.17 19.37
CA HIS A 237 -4.03 23.50 20.55
C HIS A 237 -5.46 23.97 20.85
N CYS A 238 -6.34 23.02 21.10
CA CYS A 238 -7.77 23.30 21.19
C CYS A 238 -8.49 22.24 22.05
N ARG A 239 -9.55 22.67 22.75
CA ARG A 239 -10.35 21.78 23.58
C ARG A 239 -11.21 20.81 22.76
N GLN A 240 -11.71 19.76 23.42
CA GLN A 240 -12.59 18.76 22.79
C GLN A 240 -14.06 19.03 23.17
N SER A 246 -17.78 13.91 14.85
CA SER A 246 -18.43 13.13 13.80
C SER A 246 -18.30 13.80 12.43
N ASN A 247 -18.91 14.99 12.30
CA ASN A 247 -18.91 15.76 11.05
C ASN A 247 -17.52 16.34 10.75
N PRO A 248 -17.27 16.76 9.49
CA PRO A 248 -15.96 17.36 9.15
C PRO A 248 -15.73 18.77 9.72
N TYR A 249 -16.79 19.58 9.81
CA TYR A 249 -16.69 20.95 10.30
C TYR A 249 -16.55 21.02 11.81
N HIS A 250 -15.47 21.63 12.29
CA HIS A 250 -15.20 21.80 13.72
C HIS A 250 -14.85 23.26 13.99
N HIS A 251 -15.78 23.96 14.63
CA HIS A 251 -15.70 25.41 14.86
C HIS A 251 -14.44 25.80 15.66
N ASP A 252 -14.34 25.26 16.87
CA ASP A 252 -13.28 25.65 17.83
C ASP A 252 -11.86 25.41 17.31
N GLN A 253 -11.69 24.39 16.47
CA GLN A 253 -10.40 24.13 15.82
C GLN A 253 -10.06 25.21 14.81
N LEU A 254 -11.04 25.61 14.00
CA LEU A 254 -10.89 26.73 13.06
C LEU A 254 -10.63 28.05 13.81
N ASP A 255 -11.34 28.27 14.91
CA ASP A 255 -11.14 29.45 15.75
C ASP A 255 -9.70 29.57 16.23
N ARG A 256 -9.13 28.45 16.67
CA ARG A 256 -7.72 28.40 17.10
C ARG A 256 -6.76 28.67 15.94
N ILE A 257 -7.04 28.09 14.78
CA ILE A 257 -6.21 28.30 13.58
C ILE A 257 -6.20 29.78 13.19
N PHE A 258 -7.37 30.39 13.16
CA PHE A 258 -7.48 31.82 12.83
C PHE A 258 -6.84 32.74 13.87
N ASN A 259 -6.99 32.41 15.17
CA ASN A 259 -6.36 33.21 16.24
C ASN A 259 -4.84 33.20 16.16
N VAL A 260 -4.26 32.14 15.59
CA VAL A 260 -2.82 32.08 15.34
C VAL A 260 -2.49 32.70 13.99
N MET A 261 -3.07 32.13 12.93
CA MET A 261 -2.70 32.46 11.55
C MET A 261 -3.29 33.77 11.03
N GLY A 262 -4.49 34.11 11.50
CA GLY A 262 -5.28 35.21 10.92
C GLY A 262 -6.29 34.66 9.94
N PHE A 263 -7.40 35.37 9.77
CA PHE A 263 -8.48 34.95 8.86
C PHE A 263 -8.03 35.13 7.39
N PRO A 264 -8.24 34.11 6.54
CA PRO A 264 -7.71 34.18 5.18
C PRO A 264 -8.44 35.20 4.28
N ALA A 265 -7.69 36.14 3.73
CA ALA A 265 -8.24 37.13 2.81
C ALA A 265 -8.63 36.48 1.49
N ASP A 266 -9.51 37.14 0.73
CA ASP A 266 -9.97 36.65 -0.57
C ASP A 266 -8.81 36.25 -1.49
N LYS A 267 -7.79 37.10 -1.55
CA LYS A 267 -6.61 36.88 -2.39
C LYS A 267 -5.71 35.75 -1.91
N ASP A 268 -5.79 35.40 -0.63
CA ASP A 268 -4.98 34.30 -0.05
C ASP A 268 -5.48 32.92 -0.49
N TRP A 269 -6.79 32.72 -0.44
CA TRP A 269 -7.41 31.43 -0.74
C TRP A 269 -8.66 31.64 -1.60
N GLU A 270 -8.43 31.90 -2.90
CA GLU A 270 -9.51 32.22 -3.86
C GLU A 270 -10.59 31.14 -3.96
N ASP A 271 -10.17 29.87 -3.97
CA ASP A 271 -11.09 28.73 -4.09
C ASP A 271 -11.65 28.21 -2.75
N ILE A 272 -11.58 29.01 -1.68
CA ILE A 272 -12.27 28.69 -0.42
C ILE A 272 -13.78 28.67 -0.64
N LYS A 273 -14.27 29.50 -1.56
CA LYS A 273 -15.70 29.51 -1.96
C LYS A 273 -16.19 28.16 -2.48
N LYS A 274 -15.29 27.39 -3.11
CA LYS A 274 -15.62 26.05 -3.61
C LYS A 274 -15.73 24.95 -2.53
N MET A 275 -15.33 25.25 -1.28
CA MET A 275 -15.42 24.30 -0.17
C MET A 275 -16.87 24.10 0.27
N PRO A 276 -17.26 22.87 0.68
CA PRO A 276 -18.66 22.66 1.04
C PRO A 276 -19.12 23.37 2.31
N GLU A 277 -18.23 23.54 3.29
CA GLU A 277 -18.55 24.21 4.55
C GLU A 277 -18.28 25.72 4.56
N HIS A 278 -17.99 26.31 3.39
CA HIS A 278 -17.70 27.74 3.32
C HIS A 278 -18.87 28.61 3.77
N SER A 279 -20.06 28.30 3.29
CA SER A 279 -21.28 29.03 3.70
C SER A 279 -21.57 28.89 5.19
N THR A 280 -21.17 27.76 5.79
CA THR A 280 -21.21 27.58 7.25
C THR A 280 -20.15 28.44 7.95
N LEU A 281 -18.96 28.55 7.35
CA LEU A 281 -17.87 29.38 7.89
C LEU A 281 -18.25 30.86 7.97
N MET A 282 -18.92 31.37 6.94
CA MET A 282 -19.34 32.78 6.90
C MET A 282 -20.41 33.08 7.94
N LYS A 283 -21.31 32.14 8.19
CA LYS A 283 -22.34 32.28 9.22
C LYS A 283 -21.73 32.41 10.62
N ASP A 284 -20.67 31.64 10.88
CA ASP A 284 -20.15 31.46 12.25
C ASP A 284 -18.95 32.34 12.59
N PHE A 285 -18.22 32.82 11.58
CA PHE A 285 -17.00 33.62 11.78
C PHE A 285 -17.07 34.99 11.13
N ARG A 286 -16.42 35.96 11.78
CA ARG A 286 -16.25 37.33 11.26
C ARG A 286 -14.76 37.61 11.14
N ARG A 287 -14.32 38.02 9.95
CA ARG A 287 -12.88 38.19 9.68
C ARG A 287 -12.21 39.32 10.49
N ASN A 288 -13.00 40.31 10.90
CA ASN A 288 -12.49 41.43 11.71
C ASN A 288 -11.97 41.01 13.09
N THR A 289 -12.51 39.91 13.62
CA THR A 289 -12.10 39.37 14.92
C THR A 289 -10.63 38.95 14.98
N TYR A 290 -10.05 38.61 13.82
CA TYR A 290 -8.66 38.14 13.73
C TYR A 290 -7.73 39.11 12.99
N THR A 291 -8.00 40.42 13.09
CA THR A 291 -7.18 41.44 12.42
C THR A 291 -5.82 41.60 13.11
N ASN A 292 -5.80 41.50 14.44
CA ASN A 292 -4.54 41.53 15.22
C ASN A 292 -3.85 40.16 15.38
N CYS A 293 -4.11 39.22 14.46
CA CYS A 293 -3.61 37.85 14.52
C CYS A 293 -2.78 37.53 13.28
N SER A 294 -1.57 37.03 13.47
CA SER A 294 -0.72 36.55 12.39
C SER A 294 0.36 35.63 12.93
N LEU A 295 0.83 34.73 12.07
CA LEU A 295 1.87 33.75 12.45
C LEU A 295 3.14 34.45 12.94
N ILE A 296 3.46 35.60 12.36
CA ILE A 296 4.57 36.42 12.83
C ILE A 296 4.39 36.77 14.30
N LYS A 297 3.18 37.18 14.67
CA LYS A 297 2.91 37.56 16.06
C LYS A 297 2.93 36.35 17.02
N TYR A 298 2.37 35.22 16.59
CA TYR A 298 2.37 34.01 17.43
C TYR A 298 3.79 33.54 17.75
N MET A 299 4.57 33.30 16.70
CA MET A 299 5.95 32.82 16.84
C MET A 299 6.86 33.81 17.59
N GLU A 300 6.61 35.12 17.44
CA GLU A 300 7.34 36.13 18.22
C GLU A 300 7.15 35.96 19.73
N LYS A 301 5.93 35.61 20.14
CA LYS A 301 5.62 35.38 21.56
C LYS A 301 6.27 34.12 22.15
N HIS A 302 6.73 33.21 21.30
CA HIS A 302 7.53 32.04 21.73
C HIS A 302 9.03 32.16 21.40
N LYS A 303 9.53 33.39 21.27
CA LYS A 303 10.96 33.65 21.02
C LYS A 303 11.48 32.93 19.78
N VAL A 304 10.85 33.22 18.65
CA VAL A 304 11.29 32.74 17.33
C VAL A 304 11.31 33.95 16.40
N LYS A 305 12.50 34.29 15.89
CA LYS A 305 12.68 35.51 15.10
C LYS A 305 11.93 35.40 13.76
N PRO A 306 11.07 36.39 13.43
CA PRO A 306 10.24 36.30 12.24
C PRO A 306 10.99 36.52 10.91
N ASP A 307 12.21 37.05 10.97
CA ASP A 307 13.06 37.16 9.77
C ASP A 307 14.15 36.07 9.74
N SER A 308 13.86 34.92 10.37
CA SER A 308 14.76 33.77 10.38
C SER A 308 14.34 32.77 9.31
N LYS A 309 15.31 32.18 8.63
CA LYS A 309 15.07 31.18 7.57
C LYS A 309 14.15 30.04 8.02
N ALA A 310 14.22 29.69 9.30
CA ALA A 310 13.29 28.74 9.93
C ALA A 310 11.86 29.23 9.79
N PHE A 311 11.60 30.44 10.31
CA PHE A 311 10.24 31.00 10.29
C PHE A 311 9.64 31.04 8.88
N HIS A 312 10.44 31.50 7.91
CA HIS A 312 9.95 31.61 6.54
C HIS A 312 9.59 30.26 5.90
N LEU A 313 10.30 29.20 6.27
CA LEU A 313 9.95 27.85 5.82
C LEU A 313 8.66 27.41 6.50
N LEU A 314 8.59 27.62 7.83
CA LEU A 314 7.38 27.31 8.58
C LEU A 314 6.14 27.93 7.94
N GLN A 315 6.24 29.20 7.55
CA GLN A 315 5.13 29.93 6.94
C GLN A 315 4.72 29.34 5.60
N LYS A 316 5.70 28.91 4.81
CA LYS A 316 5.44 28.26 3.53
C LYS A 316 4.77 26.89 3.73
N LEU A 317 5.14 26.20 4.82
CA LEU A 317 4.48 24.95 5.19
C LEU A 317 3.07 25.20 5.71
N LEU A 318 2.91 26.26 6.50
CA LEU A 318 1.60 26.66 7.06
C LEU A 318 0.91 27.72 6.19
N THR A 319 0.79 27.42 4.89
CA THR A 319 -0.01 28.21 3.97
C THR A 319 -1.41 27.64 4.07
N MET A 320 -2.40 28.52 4.19
CA MET A 320 -3.79 28.10 4.36
C MET A 320 -4.30 27.43 3.10
N ASP A 321 -4.06 28.04 1.95
CA ASP A 321 -4.52 27.50 0.65
C ASP A 321 -3.64 26.32 0.21
N PRO A 322 -4.21 25.10 0.13
CA PRO A 322 -3.42 23.92 -0.24
C PRO A 322 -2.60 24.02 -1.54
N ILE A 323 -3.15 24.63 -2.58
CA ILE A 323 -2.40 24.79 -3.84
C ILE A 323 -1.23 25.79 -3.72
N LYS A 324 -1.26 26.65 -2.69
CA LYS A 324 -0.17 27.58 -2.39
C LYS A 324 0.78 27.11 -1.27
N ARG A 325 0.60 25.87 -0.82
CA ARG A 325 1.45 25.27 0.20
C ARG A 325 2.58 24.62 -0.57
N ILE A 326 3.81 24.69 -0.04
CA ILE A 326 4.97 24.13 -0.75
C ILE A 326 5.03 22.62 -0.61
N THR A 327 5.64 21.98 -1.60
CA THR A 327 5.86 20.54 -1.59
C THR A 327 6.99 20.21 -0.63
N SER A 328 7.04 18.95 -0.19
CA SER A 328 8.20 18.42 0.54
C SER A 328 9.49 18.49 -0.29
N GLU A 329 9.37 18.26 -1.60
CA GLU A 329 10.51 18.39 -2.55
C GLU A 329 11.21 19.73 -2.38
N GLN A 330 10.40 20.79 -2.40
CA GLN A 330 10.88 22.16 -2.28
C GLN A 330 11.30 22.54 -0.85
N ALA A 331 10.67 21.94 0.15
CA ALA A 331 11.00 22.22 1.55
C ALA A 331 12.44 21.81 1.88
N MET A 332 12.84 20.61 1.43
CA MET A 332 14.24 20.15 1.56
C MET A 332 15.24 21.07 0.86
N GLN A 333 14.80 21.68 -0.24
CA GLN A 333 15.62 22.64 -0.98
C GLN A 333 15.71 24.02 -0.32
N ASP A 334 14.98 24.26 0.77
CA ASP A 334 14.97 25.57 1.44
C ASP A 334 16.37 25.89 1.99
N PRO A 335 16.81 27.16 1.92
CA PRO A 335 18.15 27.49 2.40
C PRO A 335 18.32 27.44 3.92
N TYR A 336 17.23 27.27 4.68
CA TYR A 336 17.28 26.90 6.09
C TYR A 336 18.27 25.74 6.33
N PHE A 337 18.21 24.74 5.46
CA PHE A 337 19.07 23.56 5.57
C PHE A 337 20.52 23.76 5.10
N LEU A 338 20.80 24.89 4.44
CA LEU A 338 22.17 25.31 4.11
C LEU A 338 22.75 26.34 5.09
N GLU A 339 22.02 26.64 6.16
CA GLU A 339 22.44 27.60 7.18
C GLU A 339 23.01 26.83 8.37
N ASP A 340 24.01 27.40 9.05
CA ASP A 340 24.61 26.77 10.23
C ASP A 340 23.57 26.64 11.34
N PRO A 341 23.40 25.44 11.93
CA PRO A 341 24.06 24.16 11.71
C PRO A 341 23.38 23.34 10.61
N LEU A 342 24.17 22.63 9.82
CA LEU A 342 23.64 21.70 8.82
C LEU A 342 22.95 20.51 9.51
N PRO A 343 21.95 19.90 8.85
CA PRO A 343 21.26 18.77 9.47
C PRO A 343 22.11 17.51 9.47
N THR A 344 22.06 16.77 10.58
CA THR A 344 22.85 15.55 10.78
C THR A 344 21.96 14.30 10.69
N SER A 345 22.56 13.18 10.34
CA SER A 345 21.86 11.88 10.25
C SER A 345 21.40 11.48 11.65
N ASP A 346 22.34 11.49 12.59
CA ASP A 346 22.06 11.32 14.01
C ASP A 346 21.46 12.63 14.53
N VAL A 347 20.15 12.61 14.78
CA VAL A 347 19.40 13.76 15.32
C VAL A 347 19.95 14.30 16.65
N PHE A 348 20.53 13.41 17.46
CA PHE A 348 21.18 13.82 18.72
C PHE A 348 22.64 14.28 18.54
N ALA A 349 23.20 14.10 17.34
CA ALA A 349 24.54 14.59 16.98
C ALA A 349 25.69 14.02 17.84
N GLY A 350 25.48 12.82 18.39
CA GLY A 350 26.42 12.22 19.36
C GLY A 350 26.38 12.83 20.76
N CYS A 351 25.18 13.24 21.21
CA CYS A 351 24.97 13.79 22.57
C CYS A 351 24.17 12.81 23.43
N GLN A 352 24.52 12.73 24.71
CA GLN A 352 23.87 11.80 25.68
C GLN A 352 22.36 12.02 25.69
N ILE A 353 21.61 10.97 25.33
CA ILE A 353 20.15 11.04 25.19
C ILE A 353 19.44 11.11 26.56
N PRO A 354 18.85 12.28 26.91
CA PRO A 354 18.24 12.44 28.23
C PRO A 354 16.84 11.83 28.37
N TYR A 355 16.20 11.50 27.25
CA TYR A 355 14.77 11.14 27.23
C TYR A 355 14.58 9.73 27.78
N PRO A 356 13.59 9.54 28.68
CA PRO A 356 13.39 8.22 29.26
C PRO A 356 12.88 7.19 28.25
N LYS A 357 13.17 5.93 28.52
CA LYS A 357 12.79 4.82 27.65
C LYS A 357 11.32 4.44 27.85
N ARG A 358 10.80 3.57 26.98
CA ARG A 358 9.37 3.21 27.00
C ARG A 358 9.04 2.39 28.26
N GLU A 359 8.03 2.85 29.00
CA GLU A 359 7.53 2.12 30.16
C GLU A 359 6.68 0.95 29.66
N PHE A 360 6.73 -0.17 30.36
CA PHE A 360 5.98 -1.38 29.99
C PHE A 360 4.51 -1.29 30.44
N LEU A 361 3.70 -2.22 29.95
CA LEU A 361 2.27 -2.30 30.26
C LEU A 361 1.87 -3.74 30.66
N THR A 362 0.59 -3.92 31.00
CA THR A 362 0.04 -5.25 31.30
C THR A 362 -1.49 -5.22 31.21
N GLU A 363 -2.07 -6.21 30.51
CA GLU A 363 -3.53 -6.25 30.30
C GLU A 363 -4.02 -7.65 29.95
N ASP B 4 -3.22 7.38 -11.40
CA ASP B 4 -2.29 7.88 -10.35
C ASP B 4 -2.33 6.97 -9.13
N LYS B 5 -2.10 5.68 -9.36
CA LYS B 5 -2.10 4.67 -8.29
C LYS B 5 -0.82 4.72 -7.46
N ALA B 6 -0.85 4.04 -6.32
CA ALA B 6 0.30 3.95 -5.41
C ALA B 6 1.43 3.09 -6.01
N MET B 7 2.67 3.44 -5.66
CA MET B 7 3.88 2.75 -6.11
C MET B 7 4.06 2.72 -7.64
N ALA B 8 3.43 3.66 -8.34
CA ALA B 8 3.24 3.58 -9.78
C ALA B 8 4.54 3.49 -10.60
N GLY B 9 5.63 4.07 -10.08
CA GLY B 9 6.94 4.02 -10.75
C GLY B 9 8.06 3.56 -9.83
N ASN B 10 7.86 2.40 -9.21
CA ASN B 10 8.84 1.76 -8.32
C ASN B 10 9.24 0.36 -8.80
N PHE B 11 8.76 -0.04 -9.99
CA PHE B 11 8.79 -1.44 -10.42
C PHE B 11 10.14 -2.14 -10.26
N TRP B 12 11.21 -1.46 -10.64
CA TRP B 12 12.56 -2.06 -10.59
C TRP B 12 13.10 -2.35 -9.19
N GLN B 13 12.50 -1.75 -8.15
CA GLN B 13 12.81 -2.09 -6.75
C GLN B 13 11.61 -2.74 -6.06
N SER B 14 10.61 -3.17 -6.83
CA SER B 14 9.37 -3.70 -6.28
C SER B 14 9.47 -5.18 -5.97
N SER B 15 8.50 -5.69 -5.22
CA SER B 15 8.44 -7.12 -4.91
C SER B 15 8.08 -7.96 -6.15
N HIS B 16 7.25 -7.42 -7.04
CA HIS B 16 6.91 -8.08 -8.33
C HIS B 16 8.20 -8.44 -9.08
N TYR B 17 9.04 -7.43 -9.34
CA TYR B 17 10.26 -7.63 -10.13
C TYR B 17 11.29 -8.49 -9.38
N LEU B 18 11.56 -8.15 -8.13
CA LEU B 18 12.60 -8.82 -7.32
C LEU B 18 12.22 -10.20 -6.77
N GLN B 19 11.01 -10.68 -7.05
CA GLN B 19 10.57 -12.01 -6.61
C GLN B 19 9.70 -12.77 -7.63
N TRP B 20 8.62 -12.12 -8.09
CA TRP B 20 7.63 -12.78 -8.94
C TRP B 20 7.77 -12.57 -10.46
N ILE B 21 8.99 -12.24 -10.89
CA ILE B 21 9.40 -12.46 -12.28
C ILE B 21 10.26 -13.70 -12.23
N LEU B 22 9.68 -14.83 -12.64
CA LEU B 22 10.25 -16.17 -12.44
C LEU B 22 11.09 -16.64 -13.63
N ASP B 23 11.92 -17.64 -13.38
CA ASP B 23 12.68 -18.33 -14.43
C ASP B 23 11.78 -19.40 -15.05
N LYS B 24 11.80 -19.50 -16.38
CA LYS B 24 10.94 -20.45 -17.11
C LYS B 24 11.28 -21.92 -16.81
N GLN B 25 12.58 -22.21 -16.60
CA GLN B 25 13.04 -23.56 -16.23
C GLN B 25 12.44 -24.01 -14.89
N ASP B 26 12.58 -23.17 -13.87
CA ASP B 26 11.98 -23.41 -12.55
C ASP B 26 10.46 -23.57 -12.59
N LEU B 27 9.81 -22.79 -13.45
CA LEU B 27 8.35 -22.86 -13.62
C LEU B 27 7.92 -24.21 -14.20
N LEU B 28 8.62 -24.64 -15.24
CA LEU B 28 8.39 -25.96 -15.85
C LEU B 28 8.73 -27.12 -14.92
N LYS B 29 9.79 -26.98 -14.13
CA LYS B 29 10.26 -28.05 -13.22
C LYS B 29 9.22 -28.42 -12.17
N GLU B 30 8.67 -27.42 -11.48
CA GLU B 30 7.60 -27.65 -10.49
C GLU B 30 6.28 -28.09 -11.14
N ARG B 31 6.08 -27.72 -12.41
CA ARG B 31 4.91 -28.14 -13.18
C ARG B 31 4.94 -29.63 -13.58
N GLN B 32 6.11 -30.26 -13.55
CA GLN B 32 6.22 -31.70 -13.79
C GLN B 32 5.36 -32.54 -12.83
N LYS B 33 5.21 -32.07 -11.59
CA LYS B 33 4.38 -32.76 -10.58
C LYS B 33 2.90 -32.89 -10.97
N ASP B 34 2.36 -31.88 -11.65
CA ASP B 34 0.98 -31.94 -12.19
C ASP B 34 0.90 -32.53 -13.60
N LEU B 35 2.03 -32.55 -14.32
CA LEU B 35 2.06 -33.12 -15.67
C LEU B 35 2.04 -34.65 -15.74
N LYS B 36 2.13 -35.33 -14.58
CA LYS B 36 2.00 -36.80 -14.53
C LYS B 36 0.56 -37.27 -14.79
N PHE B 37 -0.42 -36.42 -14.48
CA PHE B 37 -1.84 -36.68 -14.70
C PHE B 37 -2.31 -36.02 -16.00
N LEU B 38 -2.01 -34.72 -16.14
CA LEU B 38 -2.43 -33.89 -17.27
C LEU B 38 -1.28 -33.66 -18.27
N SER B 39 -1.58 -33.67 -19.56
CA SER B 39 -0.61 -33.31 -20.60
C SER B 39 -0.38 -31.80 -20.63
N GLU B 40 0.72 -31.38 -21.24
CA GLU B 40 1.05 -29.95 -21.45
C GLU B 40 -0.12 -29.20 -22.09
N GLU B 41 -0.77 -29.85 -23.04
CA GLU B 41 -1.95 -29.29 -23.70
C GLU B 41 -3.07 -29.08 -22.70
N GLU B 42 -3.35 -30.12 -21.93
CA GLU B 42 -4.42 -30.07 -20.91
C GLU B 42 -4.15 -29.12 -19.74
N TYR B 43 -2.87 -28.80 -19.50
CA TYR B 43 -2.51 -27.84 -18.46
C TYR B 43 -2.77 -26.39 -18.88
N TRP B 44 -2.40 -26.01 -20.11
CA TRP B 44 -2.71 -24.66 -20.62
C TRP B 44 -4.21 -24.46 -20.84
N LYS B 45 -4.90 -25.51 -21.26
CA LYS B 45 -6.37 -25.50 -21.36
C LYS B 45 -7.04 -25.27 -20.00
N LEU B 46 -6.40 -25.75 -18.92
CA LEU B 46 -6.84 -25.46 -17.55
C LEU B 46 -6.53 -24.02 -17.11
N GLN B 47 -5.40 -23.47 -17.57
CA GLN B 47 -5.05 -22.06 -17.29
C GLN B 47 -6.08 -21.13 -17.92
N ILE B 48 -6.38 -21.37 -19.19
CA ILE B 48 -7.39 -20.61 -19.94
C ILE B 48 -8.75 -20.60 -19.22
N PHE B 49 -9.12 -21.75 -18.68
CA PHE B 49 -10.43 -21.93 -18.03
C PHE B 49 -10.55 -21.10 -16.75
N PHE B 50 -9.56 -21.19 -15.87
CA PHE B 50 -9.60 -20.42 -14.61
C PHE B 50 -9.32 -18.93 -14.81
N THR B 51 -8.69 -18.58 -15.93
CA THR B 51 -8.63 -17.17 -16.35
C THR B 51 -10.04 -16.66 -16.70
N ASN B 52 -10.84 -17.52 -17.34
CA ASN B 52 -12.23 -17.19 -17.65
C ASN B 52 -13.15 -17.21 -16.42
N VAL B 53 -12.91 -18.12 -15.47
CA VAL B 53 -13.69 -18.17 -14.23
C VAL B 53 -13.45 -16.90 -13.41
N ILE B 54 -12.18 -16.54 -13.25
CA ILE B 54 -11.79 -15.32 -12.53
C ILE B 54 -12.35 -14.06 -13.22
N GLN B 55 -12.34 -14.06 -14.57
CA GLN B 55 -12.93 -12.97 -15.35
C GLN B 55 -14.41 -12.79 -15.02
N ALA B 56 -15.16 -13.88 -15.19
CA ALA B 56 -16.61 -13.89 -14.96
C ALA B 56 -17.03 -13.62 -13.51
N LEU B 57 -16.15 -13.91 -12.56
CA LEU B 57 -16.35 -13.50 -11.15
C LEU B 57 -16.18 -11.99 -10.99
N GLY B 58 -15.27 -11.40 -11.76
CA GLY B 58 -15.08 -9.95 -11.76
C GLY B 58 -16.26 -9.19 -12.35
N GLU B 59 -16.73 -9.64 -13.51
CA GLU B 59 -17.84 -8.99 -14.21
C GLU B 59 -19.16 -9.08 -13.44
N HIS B 60 -19.33 -10.14 -12.65
CA HIS B 60 -20.52 -10.30 -11.81
C HIS B 60 -20.46 -9.36 -10.61
N LEU B 61 -19.31 -9.29 -9.96
CA LEU B 61 -19.11 -8.40 -8.80
C LEU B 61 -18.93 -6.91 -9.15
N LYS B 62 -18.92 -6.58 -10.45
CA LYS B 62 -18.71 -5.22 -10.95
C LYS B 62 -17.35 -4.70 -10.46
N LEU B 63 -16.29 -5.21 -11.06
CA LEU B 63 -14.92 -4.90 -10.69
C LEU B 63 -14.15 -4.46 -11.93
N ARG B 64 -13.33 -3.43 -11.78
CA ARG B 64 -12.52 -2.91 -12.88
C ARG B 64 -11.48 -3.95 -13.30
N GLN B 65 -11.07 -3.89 -14.57
CA GLN B 65 -10.15 -4.89 -15.15
C GLN B 65 -8.86 -5.08 -14.36
N GLN B 66 -8.38 -4.02 -13.70
CA GLN B 66 -7.11 -4.06 -12.98
C GLN B 66 -7.21 -4.94 -11.74
N VAL B 67 -8.31 -4.78 -10.98
CA VAL B 67 -8.57 -5.62 -9.79
C VAL B 67 -8.78 -7.10 -10.16
N ILE B 68 -9.35 -7.34 -11.36
CA ILE B 68 -9.45 -8.70 -11.92
C ILE B 68 -8.07 -9.24 -12.29
N ALA B 69 -7.24 -8.40 -12.92
CA ALA B 69 -5.89 -8.80 -13.37
C ALA B 69 -5.01 -9.26 -12.21
N THR B 70 -5.06 -8.54 -11.10
CA THR B 70 -4.32 -8.92 -9.89
C THR B 70 -4.80 -10.28 -9.36
N ALA B 71 -6.12 -10.44 -9.24
CA ALA B 71 -6.72 -11.73 -8.83
C ALA B 71 -6.21 -12.89 -9.70
N THR B 72 -6.17 -12.68 -11.01
CA THR B 72 -5.62 -13.67 -11.94
C THR B 72 -4.14 -13.96 -11.70
N VAL B 73 -3.36 -12.93 -11.35
CA VAL B 73 -1.92 -13.09 -11.08
C VAL B 73 -1.70 -13.89 -9.79
N TYR B 74 -2.35 -13.48 -8.69
CA TYR B 74 -2.31 -14.22 -7.42
C TYR B 74 -2.52 -15.71 -7.64
N PHE B 75 -3.59 -16.02 -8.37
CA PHE B 75 -3.91 -17.39 -8.78
C PHE B 75 -2.74 -18.06 -9.52
N LYS B 76 -2.20 -17.37 -10.52
CA LYS B 76 -1.05 -17.87 -11.29
C LYS B 76 0.19 -18.12 -10.45
N ARG B 77 0.47 -17.21 -9.52
CA ARG B 77 1.62 -17.31 -8.61
C ARG B 77 1.52 -18.53 -7.69
N PHE B 78 0.31 -18.80 -7.20
CA PHE B 78 0.09 -19.87 -6.23
C PHE B 78 0.36 -21.23 -6.86
N TYR B 79 -0.33 -21.50 -7.96
CA TYR B 79 -0.18 -22.74 -8.70
C TYR B 79 1.10 -22.81 -9.53
N ALA B 80 1.80 -21.68 -9.69
CA ALA B 80 3.18 -21.69 -10.21
C ALA B 80 4.11 -22.48 -9.28
N ARG B 81 3.89 -22.34 -7.98
CA ARG B 81 4.72 -23.01 -6.95
C ARG B 81 4.05 -24.23 -6.28
N TYR B 82 2.77 -24.49 -6.54
CA TYR B 82 2.04 -25.64 -5.93
C TYR B 82 1.13 -26.38 -6.90
N SER B 83 0.74 -27.58 -6.48
CA SER B 83 -0.07 -28.48 -7.29
C SER B 83 -1.52 -28.04 -7.28
N LEU B 84 -2.25 -28.45 -8.31
CA LEU B 84 -3.69 -28.25 -8.38
C LEU B 84 -4.46 -29.10 -7.35
N LYS B 85 -3.79 -30.10 -6.76
CA LYS B 85 -4.33 -30.86 -5.63
C LYS B 85 -4.27 -30.08 -4.31
N SER B 86 -3.26 -29.22 -4.17
CA SER B 86 -2.97 -28.51 -2.90
C SER B 86 -4.19 -27.81 -2.32
N ILE B 87 -4.79 -26.93 -3.11
CA ILE B 87 -6.08 -26.30 -2.80
C ILE B 87 -6.94 -26.36 -4.06
N ASP B 88 -8.26 -26.56 -3.87
CA ASP B 88 -9.18 -26.61 -5.00
C ASP B 88 -9.13 -25.28 -5.76
N PRO B 89 -8.78 -25.30 -7.06
CA PRO B 89 -8.80 -24.03 -7.80
C PRO B 89 -10.19 -23.39 -7.93
N VAL B 90 -11.26 -24.16 -7.70
CA VAL B 90 -12.60 -23.58 -7.60
C VAL B 90 -12.78 -22.74 -6.33
N LEU B 91 -12.01 -23.03 -5.29
CA LEU B 91 -11.98 -22.21 -4.07
C LEU B 91 -10.97 -21.07 -4.19
N MET B 92 -9.84 -21.34 -4.83
CA MET B 92 -8.75 -20.34 -4.93
C MET B 92 -9.16 -19.11 -5.76
N ALA B 93 -9.94 -19.35 -6.81
CA ALA B 93 -10.40 -18.28 -7.71
C ALA B 93 -11.16 -17.17 -6.96
N PRO B 94 -12.30 -17.51 -6.31
CA PRO B 94 -13.01 -16.50 -5.52
C PRO B 94 -12.25 -15.93 -4.32
N THR B 95 -11.31 -16.68 -3.76
CA THR B 95 -10.43 -16.13 -2.71
C THR B 95 -9.50 -15.06 -3.28
N CYS B 96 -8.98 -15.28 -4.49
CA CYS B 96 -8.08 -14.32 -5.13
C CYS B 96 -8.80 -13.04 -5.52
N VAL B 97 -10.03 -13.16 -5.99
CA VAL B 97 -10.86 -11.98 -6.33
C VAL B 97 -11.21 -11.18 -5.05
N PHE B 98 -11.68 -11.89 -4.03
CA PHE B 98 -11.90 -11.35 -2.69
C PHE B 98 -10.68 -10.60 -2.13
N LEU B 99 -9.50 -11.21 -2.23
CA LEU B 99 -8.25 -10.62 -1.74
C LEU B 99 -7.79 -9.40 -2.56
N ALA B 100 -7.92 -9.49 -3.88
CA ALA B 100 -7.49 -8.41 -4.78
C ALA B 100 -8.30 -7.13 -4.56
N SER B 101 -9.60 -7.29 -4.33
CA SER B 101 -10.49 -6.16 -4.08
C SER B 101 -10.14 -5.37 -2.81
N LYS B 102 -9.69 -6.07 -1.76
CA LYS B 102 -9.20 -5.40 -0.55
C LYS B 102 -7.92 -4.59 -0.80
N VAL B 103 -7.03 -5.12 -1.61
CA VAL B 103 -5.72 -4.51 -1.88
C VAL B 103 -5.85 -3.22 -2.71
N GLU B 104 -6.73 -3.25 -3.71
CA GLU B 104 -6.94 -2.13 -4.65
C GLU B 104 -7.94 -1.07 -4.15
N GLU B 105 -8.42 -1.22 -2.92
CA GLU B 105 -9.30 -0.25 -2.24
C GLU B 105 -10.68 -0.09 -2.92
N PHE B 106 -11.25 -1.23 -3.34
CA PHE B 106 -12.59 -1.30 -3.96
C PHE B 106 -13.67 -1.82 -3.00
N GLY B 107 -13.47 -1.57 -1.70
CA GLY B 107 -14.32 -2.12 -0.64
C GLY B 107 -14.09 -3.61 -0.38
N VAL B 108 -14.39 -4.04 0.85
CA VAL B 108 -14.44 -5.47 1.18
C VAL B 108 -15.73 -6.04 0.59
N VAL B 109 -15.59 -6.69 -0.57
CA VAL B 109 -16.73 -7.33 -1.24
C VAL B 109 -17.40 -8.31 -0.27
N SER B 110 -18.69 -8.08 -0.01
CA SER B 110 -19.43 -8.71 1.09
C SER B 110 -19.45 -10.23 1.05
N ASN B 111 -19.54 -10.84 2.23
CA ASN B 111 -19.52 -12.29 2.37
C ASN B 111 -20.62 -12.96 1.56
N THR B 112 -21.86 -12.53 1.80
CA THR B 112 -23.02 -13.04 1.08
C THR B 112 -22.93 -12.77 -0.43
N ARG B 113 -22.45 -11.57 -0.78
CA ARG B 113 -22.27 -11.18 -2.19
C ARG B 113 -21.14 -11.96 -2.88
N LEU B 114 -20.08 -12.27 -2.15
CA LEU B 114 -18.95 -13.05 -2.67
C LEU B 114 -19.37 -14.49 -2.95
N ILE B 115 -20.05 -15.11 -2.01
CA ILE B 115 -20.54 -16.49 -2.16
C ILE B 115 -21.60 -16.58 -3.25
N ALA B 116 -22.54 -15.63 -3.24
CA ALA B 116 -23.58 -15.55 -4.28
C ALA B 116 -23.00 -15.38 -5.68
N ALA B 117 -21.88 -14.65 -5.80
CA ALA B 117 -21.22 -14.44 -7.08
C ALA B 117 -20.67 -15.74 -7.65
N ALA B 118 -19.88 -16.43 -6.85
CA ALA B 118 -19.30 -17.73 -7.22
C ALA B 118 -20.38 -18.77 -7.54
N THR B 119 -21.40 -18.83 -6.70
CA THR B 119 -22.53 -19.76 -6.91
C THR B 119 -23.24 -19.47 -8.22
N SER B 120 -23.53 -18.20 -8.48
CA SER B 120 -24.29 -17.77 -9.66
C SER B 120 -23.52 -17.90 -10.97
N VAL B 121 -22.22 -17.56 -10.94
CA VAL B 121 -21.37 -17.66 -12.13
C VAL B 121 -21.18 -19.12 -12.58
N LEU B 122 -20.91 -20.01 -11.63
CA LEU B 122 -20.70 -21.43 -11.92
C LEU B 122 -21.96 -22.16 -12.39
N LYS B 123 -23.13 -21.75 -11.88
CA LYS B 123 -24.42 -22.29 -12.32
C LYS B 123 -24.78 -21.77 -13.72
N THR B 124 -24.58 -20.48 -13.93
CA THR B 124 -24.97 -19.82 -15.19
C THR B 124 -23.98 -20.12 -16.33
N ARG B 125 -22.77 -19.58 -16.20
CA ARG B 125 -21.81 -19.51 -17.31
C ARG B 125 -20.80 -20.68 -17.37
N PHE B 126 -20.85 -21.59 -16.40
CA PHE B 126 -19.90 -22.71 -16.32
C PHE B 126 -20.55 -24.05 -15.93
N SER B 127 -21.82 -24.24 -16.29
CA SER B 127 -22.53 -25.47 -15.97
C SER B 127 -21.97 -26.69 -16.73
N TYR B 128 -21.39 -26.46 -17.91
CA TYR B 128 -20.77 -27.53 -18.70
C TYR B 128 -19.64 -28.27 -17.98
N ALA B 129 -18.91 -27.55 -17.13
CA ALA B 129 -17.80 -28.11 -16.33
C ALA B 129 -18.25 -28.51 -14.92
N PHE B 130 -19.04 -27.63 -14.29
CA PHE B 130 -19.50 -27.79 -12.90
C PHE B 130 -21.00 -28.06 -12.83
N PRO B 131 -21.41 -29.35 -12.75
CA PRO B 131 -22.84 -29.64 -12.68
C PRO B 131 -23.47 -29.35 -11.31
N LYS B 132 -22.73 -29.64 -10.23
CA LYS B 132 -23.18 -29.36 -8.86
C LYS B 132 -22.90 -27.91 -8.44
N GLU B 133 -23.59 -27.47 -7.39
CA GLU B 133 -23.49 -26.10 -6.88
C GLU B 133 -22.11 -25.78 -6.30
N PHE B 134 -21.81 -24.49 -6.14
CA PHE B 134 -20.59 -24.03 -5.47
C PHE B 134 -20.65 -24.50 -4.00
N PRO B 135 -19.80 -25.49 -3.64
CA PRO B 135 -19.98 -26.17 -2.35
C PRO B 135 -19.41 -25.45 -1.12
N TYR B 136 -18.56 -24.43 -1.32
CA TYR B 136 -17.86 -23.77 -0.22
C TYR B 136 -18.66 -22.60 0.36
N ARG B 137 -18.60 -22.48 1.69
CA ARG B 137 -19.13 -21.34 2.43
C ARG B 137 -17.98 -20.37 2.75
N MET B 138 -18.31 -19.26 3.40
CA MET B 138 -17.36 -18.16 3.59
C MET B 138 -16.17 -18.49 4.50
N ASN B 139 -16.36 -19.31 5.52
CA ASN B 139 -15.25 -19.72 6.40
C ASN B 139 -14.11 -20.49 5.68
N HIS B 140 -14.43 -21.10 4.53
CA HIS B 140 -13.41 -21.69 3.67
C HIS B 140 -12.63 -20.61 2.94
N ILE B 141 -13.35 -19.62 2.41
CA ILE B 141 -12.71 -18.48 1.71
C ILE B 141 -11.72 -17.78 2.64
N LEU B 142 -12.13 -17.57 3.90
CA LEU B 142 -11.27 -16.94 4.91
C LEU B 142 -10.05 -17.78 5.29
N GLU B 143 -10.21 -19.10 5.35
CA GLU B 143 -9.10 -20.01 5.62
C GLU B 143 -8.13 -20.01 4.45
N CYS B 144 -8.66 -20.24 3.25
CA CYS B 144 -7.88 -20.27 2.00
C CYS B 144 -7.11 -18.97 1.75
N GLU B 145 -7.72 -17.83 2.12
CA GLU B 145 -7.07 -16.52 2.06
C GLU B 145 -5.73 -16.51 2.80
N PHE B 146 -5.73 -17.05 4.02
CA PHE B 146 -4.51 -17.11 4.85
C PHE B 146 -3.36 -17.88 4.20
N TYR B 147 -3.67 -18.94 3.47
CA TYR B 147 -2.66 -19.69 2.71
C TYR B 147 -2.13 -18.89 1.52
N LEU B 148 -3.04 -18.22 0.81
CA LEU B 148 -2.69 -17.40 -0.36
C LEU B 148 -1.70 -16.30 0.01
N LEU B 149 -2.05 -15.54 1.05
CA LEU B 149 -1.19 -14.45 1.52
C LEU B 149 0.18 -14.94 2.03
N GLU B 150 0.23 -16.18 2.52
CA GLU B 150 1.47 -16.78 3.01
C GLU B 150 2.40 -17.19 1.86
N LEU B 151 1.86 -17.89 0.87
CA LEU B 151 2.65 -18.33 -0.29
C LEU B 151 3.26 -17.15 -1.05
N MET B 152 2.44 -16.13 -1.28
CA MET B 152 2.88 -14.93 -1.99
C MET B 152 3.93 -14.09 -1.24
N ASP B 153 4.26 -14.48 0.00
CA ASP B 153 5.22 -13.77 0.85
C ASP B 153 4.71 -12.34 1.07
N CYS B 154 3.40 -12.26 1.32
CA CYS B 154 2.66 -11.01 1.49
C CYS B 154 2.89 -9.96 0.38
N CYS B 155 3.16 -10.43 -0.85
CA CYS B 155 3.37 -9.53 -1.99
C CYS B 155 2.04 -9.28 -2.68
N LEU B 156 1.46 -8.10 -2.42
CA LEU B 156 0.10 -7.78 -2.85
C LEU B 156 0.03 -6.78 -4.02
N ILE B 157 0.90 -5.77 -4.03
CA ILE B 157 0.97 -4.81 -5.15
C ILE B 157 1.55 -5.47 -6.42
N VAL B 158 0.76 -5.45 -7.50
CA VAL B 158 1.11 -6.11 -8.77
C VAL B 158 0.93 -5.15 -9.95
N TYR B 159 1.94 -5.09 -10.81
CA TYR B 159 2.02 -4.15 -11.92
C TYR B 159 1.55 -4.85 -13.19
N HIS B 160 0.55 -4.31 -13.87
CA HIS B 160 -0.01 -4.88 -15.11
C HIS B 160 0.40 -4.08 -16.36
N PRO B 161 0.17 -4.62 -17.58
CA PRO B 161 0.58 -3.91 -18.80
C PRO B 161 -0.25 -2.69 -19.24
N TYR B 162 -1.42 -2.49 -18.63
CA TYR B 162 -2.39 -1.53 -19.16
C TYR B 162 -1.85 -0.09 -19.08
N ARG B 163 -1.23 0.24 -17.95
CA ARG B 163 -0.69 1.59 -17.72
C ARG B 163 0.44 1.95 -18.70
N PRO B 164 1.37 1.02 -18.96
CA PRO B 164 2.32 1.29 -20.05
C PRO B 164 1.69 1.36 -21.44
N LEU B 165 0.73 0.47 -21.73
CA LEU B 165 0.06 0.46 -23.06
C LEU B 165 -0.56 1.83 -23.38
N LEU B 166 -1.25 2.41 -22.39
CA LEU B 166 -1.79 3.77 -22.48
C LEU B 166 -0.69 4.79 -22.84
N GLN B 167 0.42 4.71 -22.12
CA GLN B 167 1.54 5.62 -22.32
C GLN B 167 2.18 5.50 -23.71
N TYR B 168 2.16 4.29 -24.30
CA TYR B 168 2.68 4.09 -25.64
C TYR B 168 1.71 4.57 -26.72
N VAL B 169 0.42 4.24 -26.59
CA VAL B 169 -0.59 4.68 -27.57
C VAL B 169 -0.81 6.20 -27.58
N GLN B 170 -0.71 6.83 -26.40
CA GLN B 170 -0.71 8.30 -26.32
C GLN B 170 0.50 8.86 -27.07
N ASP B 171 1.67 8.30 -26.79
CA ASP B 171 2.93 8.69 -27.44
C ASP B 171 2.90 8.45 -28.96
N MET B 172 2.28 7.35 -29.38
CA MET B 172 2.06 7.06 -30.82
C MET B 172 1.12 8.05 -31.51
N GLY B 173 0.22 8.65 -30.73
CA GLY B 173 -0.81 9.54 -31.26
C GLY B 173 -1.93 8.80 -31.98
N GLN B 174 -2.13 7.53 -31.62
CA GLN B 174 -3.19 6.69 -32.20
C GLN B 174 -3.86 5.91 -31.08
N GLU B 175 -4.60 6.63 -30.25
CA GLU B 175 -5.39 6.06 -29.15
C GLU B 175 -6.78 5.59 -29.64
N ASP B 176 -7.31 6.22 -30.67
CA ASP B 176 -8.63 5.86 -31.22
C ASP B 176 -8.58 4.51 -31.94
N MET B 177 -7.62 4.35 -32.85
CA MET B 177 -7.50 3.13 -33.67
C MET B 177 -6.97 1.92 -32.88
N LEU B 178 -5.87 2.09 -32.17
CA LEU B 178 -5.10 0.97 -31.61
C LEU B 178 -5.46 0.56 -30.18
N LEU B 179 -5.85 1.51 -29.32
CA LEU B 179 -6.02 1.22 -27.88
C LEU B 179 -7.09 0.18 -27.54
N PRO B 180 -8.22 0.17 -28.27
CA PRO B 180 -9.22 -0.88 -27.99
C PRO B 180 -8.72 -2.29 -28.30
N LEU B 181 -8.14 -2.48 -29.48
CA LEU B 181 -7.60 -3.80 -29.88
C LEU B 181 -6.37 -4.18 -29.04
N ALA B 182 -5.51 -3.21 -28.73
CA ALA B 182 -4.33 -3.46 -27.89
C ALA B 182 -4.75 -3.93 -26.49
N TRP B 183 -5.72 -3.24 -25.91
CA TRP B 183 -6.25 -3.55 -24.58
C TRP B 183 -6.83 -4.98 -24.47
N ARG B 184 -7.49 -5.49 -25.52
CA ARG B 184 -8.00 -6.87 -25.52
C ARG B 184 -6.86 -7.90 -25.59
N ILE B 185 -5.84 -7.63 -26.40
CA ILE B 185 -4.69 -8.52 -26.52
C ILE B 185 -3.98 -8.60 -25.17
N VAL B 186 -3.92 -7.47 -24.45
CA VAL B 186 -3.36 -7.44 -23.10
C VAL B 186 -4.20 -8.29 -22.14
N ASN B 187 -5.53 -8.17 -22.22
CA ASN B 187 -6.43 -9.08 -21.49
C ASN B 187 -6.10 -10.54 -21.84
N ASP B 188 -5.91 -10.81 -23.13
CA ASP B 188 -5.62 -12.17 -23.60
C ASP B 188 -4.28 -12.74 -23.16
N THR B 189 -3.32 -11.90 -22.77
CA THR B 189 -2.02 -12.41 -22.32
C THR B 189 -2.15 -13.20 -21.01
N TYR B 190 -3.20 -12.93 -20.24
CA TYR B 190 -3.48 -13.63 -18.98
C TYR B 190 -3.93 -15.09 -19.15
N ARG B 191 -4.25 -15.49 -20.38
CA ARG B 191 -4.42 -16.91 -20.69
C ARG B 191 -3.09 -17.69 -20.73
N THR B 192 -1.96 -16.97 -20.77
CA THR B 192 -0.63 -17.56 -20.85
C THR B 192 0.18 -17.29 -19.58
N ASP B 193 1.44 -17.76 -19.55
CA ASP B 193 2.35 -17.54 -18.43
C ASP B 193 3.00 -16.13 -18.42
N LEU B 194 2.87 -15.39 -19.52
CA LEU B 194 3.67 -14.18 -19.78
C LEU B 194 3.90 -13.24 -18.59
N CYS B 195 2.87 -13.03 -17.77
CA CYS B 195 2.98 -12.13 -16.60
C CYS B 195 3.93 -12.61 -15.50
N LEU B 196 4.20 -13.92 -15.44
CA LEU B 196 5.21 -14.48 -14.53
C LEU B 196 6.63 -14.44 -15.11
N LEU B 197 6.76 -14.31 -16.43
CA LEU B 197 8.04 -14.46 -17.14
C LEU B 197 8.68 -13.15 -17.65
N TYR B 198 7.86 -12.18 -18.03
CA TYR B 198 8.34 -10.88 -18.54
C TYR B 198 7.70 -9.73 -17.78
N PRO B 199 8.39 -8.56 -17.70
CA PRO B 199 7.80 -7.40 -17.04
C PRO B 199 6.66 -6.77 -17.86
N PRO B 200 5.71 -6.10 -17.20
CA PRO B 200 4.47 -5.69 -17.87
C PRO B 200 4.63 -4.71 -19.05
N PHE B 201 5.61 -3.81 -19.02
CA PHE B 201 5.82 -2.89 -20.15
C PHE B 201 6.17 -3.65 -21.44
N MET B 202 6.97 -4.72 -21.33
CA MET B 202 7.32 -5.56 -22.49
C MET B 202 6.12 -6.32 -23.02
N ILE B 203 5.25 -6.78 -22.11
CA ILE B 203 3.99 -7.40 -22.52
C ILE B 203 3.15 -6.36 -23.28
N ALA B 204 3.12 -5.14 -22.75
CA ALA B 204 2.43 -4.02 -23.39
C ALA B 204 2.95 -3.80 -24.81
N LEU B 205 4.27 -3.69 -24.95
CA LEU B 205 4.91 -3.45 -26.25
C LEU B 205 4.57 -4.52 -27.30
N ALA B 206 4.49 -5.78 -26.87
CA ALA B 206 4.14 -6.89 -27.77
C ALA B 206 2.70 -6.80 -28.27
N CYS B 207 1.77 -6.59 -27.34
CA CYS B 207 0.36 -6.43 -27.67
C CYS B 207 0.12 -5.29 -28.65
N LEU B 208 0.81 -4.17 -28.42
CA LEU B 208 0.73 -3.01 -29.33
C LEU B 208 1.24 -3.35 -30.72
N HIS B 209 2.34 -4.09 -30.79
CA HIS B 209 2.89 -4.58 -32.05
C HIS B 209 1.90 -5.46 -32.82
N VAL B 210 1.26 -6.40 -32.11
CA VAL B 210 0.24 -7.26 -32.73
C VAL B 210 -0.99 -6.44 -33.13
N ALA B 211 -1.35 -5.47 -32.30
CA ALA B 211 -2.40 -4.51 -32.62
C ALA B 211 -2.07 -3.75 -33.91
N CYS B 212 -0.84 -3.26 -34.01
CA CYS B 212 -0.35 -2.59 -35.23
C CYS B 212 -0.38 -3.48 -36.48
N VAL B 213 0.00 -4.74 -36.33
CA VAL B 213 0.04 -5.70 -37.44
C VAL B 213 -1.35 -6.03 -37.95
N VAL B 214 -2.27 -6.30 -37.01
CA VAL B 214 -3.66 -6.64 -37.33
C VAL B 214 -4.36 -5.53 -38.11
N GLN B 215 -4.14 -4.28 -37.67
CA GLN B 215 -4.77 -3.12 -38.30
C GLN B 215 -4.00 -2.52 -39.48
N GLN B 216 -2.87 -3.13 -39.85
CA GLN B 216 -2.04 -2.67 -40.97
C GLN B 216 -1.53 -1.23 -40.80
N LYS B 217 -1.18 -0.88 -39.56
CA LYS B 217 -0.61 0.43 -39.22
C LYS B 217 0.91 0.29 -39.11
N ASP B 218 1.62 0.85 -40.09
CA ASP B 218 3.10 0.84 -40.11
C ASP B 218 3.65 1.62 -38.92
N ALA B 219 4.47 0.96 -38.10
CA ALA B 219 5.06 1.57 -36.90
C ALA B 219 6.51 1.14 -36.64
N ARG B 220 7.23 0.71 -37.68
CA ARG B 220 8.58 0.18 -37.53
C ARG B 220 9.54 1.22 -36.95
N GLN B 221 9.46 2.44 -37.48
CA GLN B 221 10.28 3.57 -37.04
C GLN B 221 10.06 3.86 -35.55
N TRP B 222 8.81 3.95 -35.14
CA TRP B 222 8.46 4.21 -33.73
C TRP B 222 9.07 3.15 -32.81
N PHE B 223 8.86 1.88 -33.18
CA PHE B 223 9.42 0.76 -32.42
C PHE B 223 10.96 0.73 -32.43
N ALA B 224 11.54 0.99 -33.59
CA ALA B 224 13.00 1.05 -33.75
C ALA B 224 13.65 2.08 -32.81
N GLU B 225 12.97 3.19 -32.57
CA GLU B 225 13.44 4.26 -31.69
C GLU B 225 13.48 3.92 -30.19
N LEU B 226 12.85 2.83 -29.78
CA LEU B 226 12.93 2.37 -28.38
C LEU B 226 14.30 1.80 -28.06
N SER B 227 14.77 2.01 -26.83
CA SER B 227 16.00 1.37 -26.33
C SER B 227 15.60 0.15 -25.49
N VAL B 228 15.05 -0.84 -26.18
CA VAL B 228 14.57 -2.09 -25.57
C VAL B 228 15.11 -3.32 -26.33
N ASP B 229 15.27 -4.42 -25.61
CA ASP B 229 15.73 -5.68 -26.19
C ASP B 229 14.59 -6.31 -27.01
N MET B 230 14.63 -6.09 -28.32
CA MET B 230 13.56 -6.52 -29.23
C MET B 230 13.38 -8.05 -29.37
N GLU B 231 14.44 -8.82 -29.12
CA GLU B 231 14.36 -10.28 -29.14
C GLU B 231 13.36 -10.79 -28.06
N LYS B 232 13.44 -10.20 -26.87
CA LYS B 232 12.49 -10.50 -25.80
C LYS B 232 11.05 -10.08 -26.15
N ILE B 233 10.90 -9.04 -26.96
CA ILE B 233 9.58 -8.62 -27.45
C ILE B 233 9.05 -9.63 -28.48
N LEU B 234 9.92 -10.07 -29.40
CA LEU B 234 9.55 -11.13 -30.36
C LEU B 234 9.14 -12.44 -29.69
N GLU B 235 9.77 -12.78 -28.56
CA GLU B 235 9.37 -13.93 -27.74
C GLU B 235 7.91 -13.84 -27.28
N ILE B 236 7.53 -12.67 -26.76
CA ILE B 236 6.17 -12.41 -26.28
C ILE B 236 5.16 -12.44 -27.44
N ILE B 237 5.54 -11.82 -28.57
CA ILE B 237 4.71 -11.84 -29.78
C ILE B 237 4.42 -13.28 -30.22
N ARG B 238 5.46 -14.12 -30.23
CA ARG B 238 5.31 -15.54 -30.61
C ARG B 238 4.35 -16.31 -29.70
N VAL B 239 4.39 -16.02 -28.40
CA VAL B 239 3.42 -16.58 -27.44
C VAL B 239 2.01 -16.08 -27.73
N ILE B 240 1.85 -14.76 -27.90
CA ILE B 240 0.56 -14.14 -28.23
C ILE B 240 0.02 -14.65 -29.57
N LEU B 241 0.90 -14.84 -30.55
CA LEU B 241 0.50 -15.42 -31.84
C LEU B 241 0.06 -16.88 -31.66
N LYS B 242 0.74 -17.61 -30.78
CA LYS B 242 0.40 -19.02 -30.49
C LYS B 242 -0.93 -19.14 -29.75
N LEU B 243 -1.04 -18.42 -28.64
CA LEU B 243 -2.29 -18.17 -27.90
C LEU B 243 -3.59 -18.22 -28.72
N TYR B 244 -3.60 -17.54 -29.88
CA TYR B 244 -4.79 -17.50 -30.75
C TYR B 244 -4.97 -18.75 -31.57
N GLU B 245 -3.86 -19.40 -31.93
CA GLU B 245 -3.92 -20.71 -32.59
C GLU B 245 -4.36 -21.78 -31.60
N GLN B 246 -3.92 -21.66 -30.35
CA GLN B 246 -4.46 -22.44 -29.23
C GLN B 246 -5.98 -22.23 -29.09
N TRP B 247 -6.41 -20.96 -29.15
CA TRP B 247 -7.84 -20.55 -29.09
C TRP B 247 -8.70 -21.20 -30.17
N LYS B 248 -8.23 -21.14 -31.41
CA LYS B 248 -8.88 -21.74 -32.59
C LYS B 248 -9.23 -23.21 -32.40
N ASN B 249 -8.24 -24.00 -31.97
CA ASN B 249 -8.36 -25.47 -31.85
C ASN B 249 -8.88 -25.97 -30.49
N PHE B 250 -9.11 -25.05 -29.55
CA PHE B 250 -9.58 -25.39 -28.20
C PHE B 250 -11.07 -25.07 -28.06
N ASP B 251 -11.92 -26.09 -28.17
CA ASP B 251 -13.30 -25.96 -27.72
C ASP B 251 -13.35 -26.23 -26.21
N GLU B 252 -13.47 -25.15 -25.46
CA GLU B 252 -13.51 -25.17 -24.00
C GLU B 252 -14.69 -25.99 -23.47
N ARG B 253 -15.88 -25.70 -23.97
N ARG B 253 -15.88 -25.64 -23.97
CA ARG B 253 -17.12 -26.25 -23.42
CA ARG B 253 -17.15 -26.23 -23.56
C ARG B 253 -17.29 -27.77 -23.64
C ARG B 253 -17.19 -27.75 -23.61
N LYS B 254 -16.78 -28.31 -24.74
CA LYS B 254 -16.77 -29.78 -24.96
C LYS B 254 -15.72 -30.51 -24.11
N GLU B 255 -14.55 -29.90 -23.92
CA GLU B 255 -13.36 -30.57 -23.38
C GLU B 255 -13.19 -30.49 -21.86
N MET B 256 -13.52 -29.35 -21.27
CA MET B 256 -13.11 -29.05 -19.89
C MET B 256 -13.66 -29.97 -18.79
N ALA B 257 -14.88 -30.48 -18.96
CA ALA B 257 -15.48 -31.45 -18.02
C ALA B 257 -14.58 -32.68 -17.81
N THR B 258 -14.02 -33.19 -18.92
CA THR B 258 -13.08 -34.31 -18.89
C THR B 258 -11.73 -33.96 -18.28
N ILE B 259 -11.23 -32.76 -18.57
CA ILE B 259 -9.93 -32.31 -18.05
C ILE B 259 -9.99 -32.13 -16.53
N LEU B 260 -11.08 -31.59 -16.02
CA LEU B 260 -11.24 -31.34 -14.58
C LEU B 260 -11.26 -32.64 -13.74
N SER B 261 -11.75 -33.73 -14.31
CA SER B 261 -11.69 -35.05 -13.65
C SER B 261 -10.25 -35.61 -13.60
N LYS B 262 -9.46 -35.33 -14.65
CA LYS B 262 -8.06 -35.76 -14.71
C LYS B 262 -7.15 -34.99 -13.75
N MET B 263 -7.56 -33.81 -13.28
CA MET B 263 -6.80 -33.05 -12.27
C MET B 263 -6.52 -33.90 -11.04
N PRO B 264 -5.34 -33.71 -10.41
CA PRO B 264 -5.00 -34.52 -9.26
C PRO B 264 -5.88 -34.27 -8.05
N LYS B 265 -6.19 -35.35 -7.33
CA LYS B 265 -7.12 -35.33 -6.20
C LYS B 265 -6.39 -34.90 -4.92
N PRO B 266 -7.03 -34.03 -4.09
CA PRO B 266 -6.46 -33.74 -2.76
C PRO B 266 -6.61 -34.93 -1.82
N LYS B 267 -5.51 -35.36 -1.20
CA LYS B 267 -5.54 -36.47 -0.25
C LYS B 267 -6.22 -36.03 1.05
N PRO B 268 -7.21 -36.82 1.54
CA PRO B 268 -7.93 -36.44 2.76
C PRO B 268 -7.22 -36.93 4.02
N PRO B 269 -7.68 -36.47 5.21
CA PRO B 269 -7.11 -36.97 6.48
C PRO B 269 -7.41 -38.46 6.75
N PRO B 270 -6.44 -39.22 7.30
CA PRO B 270 -6.67 -40.64 7.59
C PRO B 270 -7.53 -40.85 8.84
#